data_7UN2
#
_entry.id   7UN2
#
_cell.length_a   67.990
_cell.length_b   71.843
_cell.length_c   98.868
_cell.angle_alpha   90.000
_cell.angle_beta   90.000
_cell.angle_gamma   90.000
#
_symmetry.space_group_name_H-M   'P 21 2 21'
#
loop_
_entity.id
_entity.type
_entity.pdbx_description
1 polymer ConM
2 non-polymer 'CALCIUM ION'
3 non-polymer 'MANGANESE (II) ION'
4 non-polymer GLYCEROL
5 non-polymer '3-INDOLEBUTYRIC ACID'
6 non-polymer 'CHLORIDE ION'
7 non-polymer 'D-ALPHA-AMINOBUTYRIC ACID'
8 water water
#
_entity_poly.entity_id   1
_entity_poly.type   'polypeptide(L)'
_entity_poly.pdbx_seq_one_letter_code
;ADTIVAVELDTYPNTDIGDPSYPHIGIDIKSVRSKKTAKWNMQNGKVGTAHIIYNSVGKRLSAVVSYPNGDSATVSYDVD
LDNVLPEWVRVGLSASTGLYKETNTILSWSFTSKLKSNSTHETNALHFVFNQFSKDQKDLILQGDATTGTDGNLELTRVS
SNGSPQGSSVGRALFYAPVHIWESSAVVASFDATFTFLIKSSDSHPADGIAFFISNIDSSIPSGSTGRLLGLFPDAN
;
_entity_poly.pdbx_strand_id   A,B
#
# COMPACT_ATOMS: atom_id res chain seq x y z
N ALA A 1 14.56 -21.94 -0.66
CA ALA A 1 13.25 -21.77 -1.27
C ALA A 1 12.52 -20.61 -0.62
N ASP A 2 11.29 -20.35 -1.07
CA ASP A 2 10.45 -19.35 -0.43
C ASP A 2 10.05 -19.82 0.96
N THR A 3 9.69 -18.85 1.81
CA THR A 3 8.99 -19.11 3.06
C THR A 3 7.51 -18.80 2.85
N ILE A 4 6.61 -19.72 3.26
CA ILE A 4 5.19 -19.60 2.97
C ILE A 4 4.35 -19.91 4.19
N VAL A 5 3.47 -18.97 4.54
CA VAL A 5 2.35 -19.19 5.44
C VAL A 5 1.11 -18.94 4.58
N ALA A 6 0.16 -19.88 4.61
CA ALA A 6 -0.99 -19.79 3.72
C ALA A 6 -2.21 -20.41 4.39
N VAL A 7 -3.37 -19.87 4.06
CA VAL A 7 -4.67 -20.48 4.33
C VAL A 7 -5.19 -20.99 3.01
N GLU A 8 -5.37 -22.30 2.88
CA GLU A 8 -5.77 -22.91 1.62
C GLU A 8 -7.25 -23.26 1.65
N LEU A 9 -7.93 -22.92 0.58
CA LEU A 9 -9.28 -23.39 0.29
C LEU A 9 -9.10 -24.55 -0.68
N ASP A 10 -9.07 -25.78 -0.15
CA ASP A 10 -8.61 -26.94 -0.91
C ASP A 10 -9.84 -27.72 -1.41
N THR A 11 -10.05 -27.68 -2.71
CA THR A 11 -11.24 -28.29 -3.28
C THR A 11 -11.02 -29.73 -3.70
N TYR A 12 -9.79 -30.23 -3.70
CA TYR A 12 -9.51 -31.57 -4.22
C TYR A 12 -8.67 -32.37 -3.24
N PRO A 13 -9.18 -33.49 -2.71
CA PRO A 13 -8.44 -34.27 -1.72
C PRO A 13 -7.34 -35.09 -2.38
N ASN A 14 -6.09 -34.74 -2.08
CA ASN A 14 -4.94 -35.55 -2.45
C ASN A 14 -4.55 -36.32 -1.18
N THR A 15 -5.29 -37.40 -0.91
CA THR A 15 -5.11 -38.11 0.35
C THR A 15 -3.78 -38.85 0.44
N ASP A 16 -2.92 -38.77 -0.59
CA ASP A 16 -1.60 -39.36 -0.52
C ASP A 16 -0.51 -38.36 -0.15
N ILE A 17 -0.85 -37.09 -0.01
CA ILE A 17 0.13 -36.09 0.42
C ILE A 17 -0.40 -35.35 1.65
N GLY A 18 -1.29 -35.99 2.39
CA GLY A 18 -1.73 -35.49 3.67
C GLY A 18 -3.13 -34.93 3.69
N ASP A 19 -3.71 -34.62 2.53
CA ASP A 19 -5.08 -34.12 2.54
C ASP A 19 -6.00 -35.09 3.26
N PRO A 20 -7.00 -34.59 3.99
CA PRO A 20 -8.10 -35.46 4.39
C PRO A 20 -8.84 -35.88 3.12
N SER A 21 -9.81 -36.77 3.27
CA SER A 21 -10.47 -37.37 2.11
C SER A 21 -11.66 -36.55 1.62
N TYR A 22 -11.57 -35.22 1.50
CA TYR A 22 -12.82 -34.47 1.39
C TYR A 22 -12.34 -33.02 1.24
N PRO A 23 -13.08 -32.18 0.53
CA PRO A 23 -12.56 -30.83 0.36
C PRO A 23 -12.43 -30.16 1.72
N HIS A 24 -11.43 -29.29 1.83
CA HIS A 24 -11.09 -28.77 3.15
C HIS A 24 -10.52 -27.36 3.05
N ILE A 25 -10.52 -26.69 4.20
CA ILE A 25 -9.70 -25.51 4.42
C ILE A 25 -8.60 -25.91 5.40
N GLY A 26 -7.38 -25.43 5.15
CA GLY A 26 -6.25 -25.79 5.98
C GLY A 26 -5.32 -24.62 6.23
N ILE A 27 -4.54 -24.74 7.31
CA ILE A 27 -3.52 -23.76 7.67
C ILE A 27 -2.17 -24.38 7.33
N ASP A 28 -1.45 -23.77 6.40
CA ASP A 28 -0.18 -24.29 5.91
C ASP A 28 0.95 -23.44 6.46
N ILE A 29 1.88 -24.08 7.18
CA ILE A 29 3.05 -23.41 7.74
C ILE A 29 4.28 -24.05 7.13
N LYS A 30 4.83 -23.44 6.09
CA LYS A 30 6.02 -23.91 5.38
C LYS A 30 5.88 -25.31 4.81
N SER A 31 4.65 -25.78 4.59
CA SER A 31 4.47 -27.07 3.96
C SER A 31 3.05 -27.16 3.42
N VAL A 32 2.91 -27.80 2.25
CA VAL A 32 1.56 -27.99 1.72
C VAL A 32 0.76 -28.93 2.61
N ARG A 33 1.43 -29.71 3.46
CA ARG A 33 0.75 -30.61 4.37
C ARG A 33 0.26 -29.79 5.56
N SER A 34 -1.02 -29.43 5.53
CA SER A 34 -1.58 -28.49 6.51
C SER A 34 -1.34 -28.96 7.94
N LYS A 35 -0.97 -28.02 8.80
CA LYS A 35 -0.92 -28.31 10.23
C LYS A 35 -2.31 -28.58 10.78
N LYS A 36 -3.33 -28.01 10.16
CA LYS A 36 -4.68 -28.06 10.69
C LYS A 36 -5.65 -27.94 9.52
N THR A 37 -6.70 -28.77 9.51
CA THR A 37 -7.72 -28.71 8.45
C THR A 37 -9.11 -28.87 9.06
N ALA A 38 -10.11 -28.51 8.26
CA ALA A 38 -11.51 -28.64 8.61
C ALA A 38 -12.25 -28.92 7.31
N LYS A 39 -13.26 -29.78 7.42
CA LYS A 39 -14.06 -30.16 6.25
C LYS A 39 -14.85 -28.97 5.70
N TRP A 40 -14.85 -28.84 4.37
CA TRP A 40 -15.39 -27.68 3.69
C TRP A 40 -16.28 -28.15 2.54
N ASN A 41 -17.56 -27.80 2.61
CA ASN A 41 -18.53 -28.01 1.52
C ASN A 41 -18.45 -26.85 0.55
N MET A 42 -17.72 -27.03 -0.55
CA MET A 42 -17.68 -25.99 -1.56
C MET A 42 -18.99 -26.03 -2.36
N GLN A 43 -19.60 -24.87 -2.57
CA GLN A 43 -20.88 -24.77 -3.28
C GLN A 43 -20.59 -24.28 -4.70
N ASN A 44 -20.63 -25.21 -5.66
CA ASN A 44 -20.28 -24.93 -7.04
C ASN A 44 -21.08 -23.74 -7.58
N GLY A 45 -20.36 -22.76 -8.13
CA GLY A 45 -20.97 -21.58 -8.72
C GLY A 45 -21.44 -20.50 -7.77
N LYS A 46 -21.29 -20.67 -6.46
CA LYS A 46 -21.74 -19.71 -5.47
C LYS A 46 -20.56 -18.83 -5.06
N VAL A 47 -20.84 -17.60 -4.63
CA VAL A 47 -19.77 -16.71 -4.16
C VAL A 47 -19.53 -17.00 -2.70
N GLY A 48 -18.28 -17.32 -2.36
CA GLY A 48 -17.90 -17.58 -0.99
C GLY A 48 -17.09 -16.40 -0.47
N THR A 49 -16.95 -16.36 0.85
CA THR A 49 -16.10 -15.37 1.51
C THR A 49 -15.19 -16.07 2.49
N ALA A 50 -13.92 -15.69 2.47
CA ALA A 50 -12.89 -16.20 3.36
C ALA A 50 -12.38 -15.04 4.21
N HIS A 51 -12.32 -15.26 5.52
CA HIS A 51 -11.72 -14.32 6.47
C HIS A 51 -10.56 -14.99 7.17
N ILE A 52 -9.45 -14.26 7.29
CA ILE A 52 -8.21 -14.75 7.90
C ILE A 52 -7.79 -13.74 8.95
N ILE A 53 -7.45 -14.21 10.15
CA ILE A 53 -7.19 -13.35 11.30
C ILE A 53 -6.03 -13.89 12.12
N TYR A 54 -5.14 -12.98 12.53
CA TYR A 54 -4.04 -13.32 13.42
C TYR A 54 -3.61 -12.10 14.23
N ASN A 55 -3.21 -12.31 15.49
CA ASN A 55 -2.53 -11.27 16.25
C ASN A 55 -1.43 -11.91 17.10
N SER A 56 -0.38 -11.13 17.35
CA SER A 56 0.80 -11.61 18.06
C SER A 56 0.56 -11.85 19.54
N VAL A 57 -0.62 -11.51 20.05
CA VAL A 57 -0.90 -11.69 21.48
C VAL A 57 -1.48 -13.08 21.69
N GLY A 58 -2.62 -13.36 21.05
CA GLY A 58 -3.19 -14.69 21.15
C GLY A 58 -2.41 -15.75 20.42
N LYS A 59 -1.58 -15.36 19.45
CA LYS A 59 -0.77 -16.28 18.66
C LYS A 59 -1.62 -17.44 18.16
N ARG A 60 -2.71 -17.11 17.47
CA ARG A 60 -3.61 -18.10 16.90
C ARG A 60 -4.00 -17.62 15.51
N LEU A 61 -3.60 -18.35 14.49
CA LEU A 61 -4.00 -18.06 13.10
C LEU A 61 -5.33 -18.75 12.83
N SER A 62 -6.36 -17.95 12.49
CA SER A 62 -7.71 -18.44 12.34
C SER A 62 -8.24 -18.08 10.95
N ALA A 63 -9.09 -18.94 10.42
CA ALA A 63 -9.67 -18.69 9.12
C ALA A 63 -11.06 -19.33 9.10
N VAL A 64 -11.95 -18.73 8.31
CA VAL A 64 -13.31 -19.20 8.17
C VAL A 64 -13.77 -18.87 6.75
N VAL A 65 -14.44 -19.84 6.13
CA VAL A 65 -14.96 -19.71 4.78
C VAL A 65 -16.44 -19.98 4.83
N SER A 66 -17.23 -19.12 4.22
CA SER A 66 -18.68 -19.24 4.31
C SER A 66 -19.33 -18.86 2.99
N TYR A 67 -20.60 -19.23 2.86
CA TYR A 67 -21.46 -18.95 1.73
C TYR A 67 -22.70 -18.20 2.20
N PRO A 68 -23.42 -17.56 1.28
CA PRO A 68 -24.57 -16.75 1.68
C PRO A 68 -25.69 -17.55 2.34
N ASN A 69 -25.73 -18.87 2.17
CA ASN A 69 -26.74 -19.63 2.88
C ASN A 69 -26.35 -19.96 4.31
N GLY A 70 -25.16 -19.51 4.75
CA GLY A 70 -24.74 -19.64 6.12
C GLY A 70 -23.79 -20.78 6.41
N ASP A 71 -23.67 -21.73 5.50
CA ASP A 71 -22.76 -22.84 5.71
C ASP A 71 -21.33 -22.34 5.77
N SER A 72 -20.54 -22.90 6.69
CA SER A 72 -19.20 -22.38 6.84
C SER A 72 -18.32 -23.44 7.49
N ALA A 73 -17.02 -23.27 7.29
CA ALA A 73 -15.99 -24.11 7.87
C ALA A 73 -14.93 -23.20 8.46
N THR A 74 -14.36 -23.64 9.59
CA THR A 74 -13.40 -22.82 10.31
C THR A 74 -12.26 -23.69 10.79
N VAL A 75 -11.07 -23.11 10.82
CA VAL A 75 -9.89 -23.80 11.31
C VAL A 75 -9.01 -22.79 12.02
N SER A 76 -8.37 -23.23 13.09
CA SER A 76 -7.43 -22.38 13.82
C SER A 76 -6.22 -23.21 14.20
N TYR A 77 -5.07 -22.55 14.30
CA TYR A 77 -3.82 -23.22 14.65
C TYR A 77 -2.96 -22.28 15.49
N ASP A 78 -2.46 -22.77 16.63
CA ASP A 78 -1.64 -21.95 17.51
C ASP A 78 -0.21 -21.92 17.00
N VAL A 79 0.26 -20.73 16.65
CA VAL A 79 1.60 -20.58 16.09
C VAL A 79 2.04 -19.14 16.29
N ASP A 80 3.31 -18.99 16.67
CA ASP A 80 3.93 -17.67 16.82
C ASP A 80 4.63 -17.32 15.52
N LEU A 81 3.99 -16.46 14.73
CA LEU A 81 4.50 -16.24 13.39
C LEU A 81 5.78 -15.42 13.38
N ASP A 82 6.18 -14.83 14.51
CA ASP A 82 7.48 -14.17 14.58
C ASP A 82 8.62 -15.15 14.31
N ASN A 83 8.40 -16.43 14.61
CA ASN A 83 9.41 -17.46 14.44
C ASN A 83 9.30 -18.19 13.11
N VAL A 84 8.38 -17.78 12.25
CA VAL A 84 8.19 -18.37 10.94
C VAL A 84 8.52 -17.39 9.83
N LEU A 85 7.91 -16.19 9.87
CA LEU A 85 7.99 -15.26 8.76
C LEU A 85 9.17 -14.31 8.91
N PRO A 86 9.77 -13.90 7.79
CA PRO A 86 10.70 -12.78 7.84
C PRO A 86 9.96 -11.53 8.26
N GLU A 87 10.75 -10.53 8.67
CA GLU A 87 10.16 -9.29 9.18
C GLU A 87 9.34 -8.59 8.12
N TRP A 88 9.86 -8.49 6.91
CA TRP A 88 9.15 -7.90 5.79
C TRP A 88 8.66 -9.00 4.87
N VAL A 89 7.47 -8.83 4.30
CA VAL A 89 6.84 -9.88 3.50
C VAL A 89 6.08 -9.24 2.35
N ARG A 90 5.58 -10.09 1.47
CA ARG A 90 4.50 -9.72 0.56
C ARG A 90 3.31 -10.62 0.83
N VAL A 91 2.12 -10.10 0.58
CA VAL A 91 0.89 -10.84 0.81
C VAL A 91 0.23 -11.04 -0.54
N GLY A 92 -0.43 -12.18 -0.70
CA GLY A 92 -1.02 -12.45 -1.99
C GLY A 92 -2.08 -13.53 -1.98
N LEU A 93 -2.63 -13.76 -3.18
CA LEU A 93 -3.61 -14.80 -3.43
C LEU A 93 -3.06 -15.72 -4.51
N SER A 94 -3.30 -17.02 -4.36
CA SER A 94 -2.75 -18.02 -5.26
C SER A 94 -3.82 -19.04 -5.59
N ALA A 95 -3.73 -19.63 -6.78
CA ALA A 95 -4.69 -20.66 -7.14
C ALA A 95 -4.12 -21.54 -8.24
N SER A 96 -4.66 -22.76 -8.35
CA SER A 96 -4.18 -23.63 -9.40
C SER A 96 -5.26 -24.60 -9.84
N THR A 97 -5.03 -25.16 -11.02
CA THR A 97 -5.77 -26.31 -11.50
C THR A 97 -4.75 -27.37 -11.90
N GLY A 98 -5.24 -28.60 -12.07
CA GLY A 98 -4.36 -29.68 -12.45
C GLY A 98 -5.04 -30.55 -13.48
N LEU A 99 -5.29 -31.80 -13.10
CA LEU A 99 -5.95 -32.71 -14.02
C LEU A 99 -7.45 -32.40 -14.06
N TYR A 100 -8.00 -32.01 -12.91
CA TYR A 100 -9.32 -31.41 -12.80
C TYR A 100 -9.17 -29.89 -12.68
N LYS A 101 -10.29 -29.18 -12.87
CA LYS A 101 -10.18 -27.73 -12.98
C LYS A 101 -11.44 -27.06 -12.44
N GLU A 102 -11.37 -25.73 -12.35
CA GLU A 102 -12.40 -24.88 -11.78
C GLU A 102 -12.02 -23.45 -12.14
N THR A 103 -12.99 -22.56 -12.17
CA THR A 103 -12.60 -21.15 -12.17
C THR A 103 -12.09 -20.80 -10.78
N ASN A 104 -11.16 -19.86 -10.73
CA ASN A 104 -10.59 -19.37 -9.48
C ASN A 104 -10.68 -17.86 -9.47
N THR A 105 -11.92 -17.37 -9.48
CA THR A 105 -12.22 -15.96 -9.69
C THR A 105 -12.27 -15.26 -8.34
N ILE A 106 -11.53 -14.16 -8.22
CA ILE A 106 -11.56 -13.33 -7.01
C ILE A 106 -12.41 -12.10 -7.32
N LEU A 107 -13.44 -11.89 -6.51
CA LEU A 107 -14.32 -10.74 -6.64
C LEU A 107 -13.87 -9.56 -5.78
N SER A 108 -13.19 -9.82 -4.66
CA SER A 108 -12.71 -8.74 -3.82
C SER A 108 -11.65 -9.28 -2.88
N TRP A 109 -10.86 -8.36 -2.33
CA TRP A 109 -9.76 -8.74 -1.45
C TRP A 109 -9.41 -7.53 -0.62
N SER A 110 -9.33 -7.71 0.68
CA SER A 110 -8.90 -6.64 1.57
C SER A 110 -7.85 -7.21 2.51
N PHE A 111 -6.98 -6.32 2.99
CA PHE A 111 -5.92 -6.73 3.88
C PHE A 111 -5.62 -5.59 4.82
N THR A 112 -5.33 -5.91 6.09
CA THR A 112 -4.92 -4.92 7.09
C THR A 112 -3.79 -5.49 7.94
N SER A 113 -2.74 -4.72 8.10
CA SER A 113 -1.64 -5.07 8.98
C SER A 113 -1.34 -3.88 9.88
N LYS A 114 -1.16 -4.14 11.18
CA LYS A 114 -0.88 -3.07 12.12
C LYS A 114 0.24 -3.49 13.06
N LEU A 115 1.13 -2.53 13.35
CA LEU A 115 2.12 -2.66 14.42
C LEU A 115 1.81 -1.59 15.45
N LYS A 116 1.45 -2.00 16.65
CA LYS A 116 1.18 -1.06 17.74
C LYS A 116 2.27 -1.20 18.81
N SER A 117 2.85 -0.09 19.24
CA SER A 117 3.92 -0.16 20.25
C SER A 117 3.62 0.73 21.45
N THR A 123 1.55 3.91 15.98
CA THR A 123 1.16 2.76 15.18
C THR A 123 1.64 2.95 13.73
N ASN A 124 2.13 1.85 13.12
CA ASN A 124 2.32 1.73 11.68
C ASN A 124 1.27 0.78 11.13
N ALA A 125 0.78 1.10 9.93
CA ALA A 125 -0.33 0.30 9.43
C ALA A 125 -0.35 0.37 7.91
N LEU A 126 -0.87 -0.70 7.33
CA LEU A 126 -1.16 -0.77 5.90
C LEU A 126 -2.53 -1.40 5.76
N HIS A 127 -3.36 -0.79 4.93
CA HIS A 127 -4.68 -1.34 4.62
C HIS A 127 -4.94 -1.11 3.14
N PHE A 128 -5.35 -2.15 2.43
CA PHE A 128 -5.85 -1.96 1.07
C PHE A 128 -7.15 -2.72 0.91
N VAL A 129 -8.02 -2.21 0.03
CA VAL A 129 -9.26 -2.90 -0.29
C VAL A 129 -9.45 -2.86 -1.79
N PHE A 130 -9.67 -4.02 -2.40
CA PHE A 130 -10.11 -4.12 -3.80
C PHE A 130 -11.50 -4.73 -3.80
N ASN A 131 -12.52 -3.91 -4.08
CA ASN A 131 -13.83 -4.48 -4.35
C ASN A 131 -14.11 -4.58 -5.84
N GLN A 132 -13.33 -3.91 -6.66
CA GLN A 132 -13.34 -4.08 -8.10
C GLN A 132 -11.90 -4.00 -8.59
N PHE A 133 -11.51 -4.94 -9.43
CA PHE A 133 -10.17 -4.91 -10.01
C PHE A 133 -10.20 -4.22 -11.37
N SER A 134 -9.08 -3.61 -11.74
CA SER A 134 -8.92 -2.92 -13.01
C SER A 134 -8.13 -3.77 -13.99
N LYS A 135 -8.36 -3.54 -15.28
CA LYS A 135 -7.58 -4.21 -16.33
C LYS A 135 -6.08 -4.13 -16.06
N ASP A 136 -5.58 -2.92 -15.86
CA ASP A 136 -4.17 -2.69 -15.57
C ASP A 136 -4.08 -2.30 -14.10
N GLN A 137 -3.92 -3.30 -13.25
CA GLN A 137 -3.95 -3.05 -11.80
C GLN A 137 -2.51 -2.82 -11.35
N LYS A 138 -2.09 -1.55 -11.35
CA LYS A 138 -0.69 -1.25 -11.17
C LYS A 138 -0.19 -1.56 -9.76
N ASP A 139 -1.08 -1.65 -8.77
CA ASP A 139 -0.63 -1.99 -7.42
C ASP A 139 -0.75 -3.49 -7.14
N LEU A 140 -0.88 -4.32 -8.17
CA LEU A 140 -0.82 -5.76 -8.01
C LEU A 140 0.33 -6.31 -8.85
N ILE A 141 1.02 -7.31 -8.32
CA ILE A 141 2.00 -8.07 -9.08
C ILE A 141 1.35 -9.38 -9.49
N LEU A 142 1.07 -9.53 -10.79
CA LEU A 142 0.48 -10.74 -11.32
C LEU A 142 1.58 -11.70 -11.75
N GLN A 143 1.49 -12.95 -11.28
CA GLN A 143 2.46 -13.98 -11.61
C GLN A 143 1.75 -15.15 -12.29
N GLY A 144 2.44 -15.80 -13.21
CA GLY A 144 1.84 -16.96 -13.87
C GLY A 144 0.68 -16.55 -14.75
N ASP A 145 -0.42 -17.30 -14.65
CA ASP A 145 -1.60 -17.12 -15.49
C ASP A 145 -2.61 -16.10 -14.96
N ALA A 146 -2.36 -15.50 -13.79
CA ALA A 146 -3.32 -14.55 -13.23
C ALA A 146 -3.49 -13.34 -14.14
N THR A 147 -4.75 -12.93 -14.33
CA THR A 147 -5.12 -11.72 -15.05
C THR A 147 -6.21 -10.99 -14.31
N THR A 148 -6.30 -9.67 -14.53
CA THR A 148 -7.47 -8.89 -14.18
C THR A 148 -8.21 -8.47 -15.44
N GLY A 149 -9.52 -8.41 -15.36
CA GLY A 149 -10.29 -8.16 -16.55
C GLY A 149 -11.06 -6.85 -16.53
N THR A 150 -12.02 -6.73 -17.43
CA THR A 150 -12.96 -5.62 -17.44
C THR A 150 -14.23 -5.92 -16.65
N ASP A 151 -14.46 -7.18 -16.26
CA ASP A 151 -15.60 -7.49 -15.41
C ASP A 151 -15.33 -7.16 -13.94
N GLY A 152 -14.21 -6.52 -13.62
CA GLY A 152 -13.93 -6.14 -12.26
C GLY A 152 -13.36 -7.24 -11.41
N ASN A 153 -13.09 -8.41 -11.99
CA ASN A 153 -12.64 -9.55 -11.21
C ASN A 153 -11.19 -9.91 -11.52
N LEU A 154 -10.61 -10.67 -10.59
CA LEU A 154 -9.26 -11.22 -10.72
C LEU A 154 -9.38 -12.71 -10.99
N GLU A 155 -8.94 -13.14 -12.17
CA GLU A 155 -8.90 -14.55 -12.53
C GLU A 155 -7.52 -15.08 -12.22
N LEU A 156 -7.39 -15.90 -11.16
CA LEU A 156 -6.06 -16.35 -10.75
C LEU A 156 -5.51 -17.42 -11.70
N THR A 157 -6.37 -18.28 -12.24
CA THR A 157 -5.96 -19.30 -13.21
C THR A 157 -6.63 -19.06 -14.55
N ARG A 158 -6.12 -19.75 -15.57
CA ARG A 158 -6.47 -19.40 -16.94
C ARG A 158 -7.91 -19.74 -17.25
N VAL A 159 -8.57 -18.85 -17.99
CA VAL A 159 -9.93 -19.06 -18.43
C VAL A 159 -9.98 -18.81 -19.94
N SER A 160 -10.66 -19.68 -20.67
CA SER A 160 -10.85 -19.45 -22.09
C SER A 160 -11.89 -18.35 -22.31
N SER A 161 -11.84 -17.75 -23.51
CA SER A 161 -12.75 -16.64 -23.80
C SER A 161 -14.21 -17.07 -23.79
N ASN A 162 -14.49 -18.37 -23.81
CA ASN A 162 -15.82 -18.89 -23.50
C ASN A 162 -15.89 -19.34 -22.04
N GLY A 163 -15.40 -18.47 -21.16
CA GLY A 163 -15.52 -18.63 -19.71
C GLY A 163 -15.28 -20.01 -19.15
N SER A 164 -14.60 -20.87 -19.91
CA SER A 164 -14.31 -22.21 -19.41
C SER A 164 -12.93 -22.23 -18.77
N PRO A 165 -12.78 -22.77 -17.56
CA PRO A 165 -11.46 -22.80 -16.92
C PRO A 165 -10.52 -23.79 -17.61
N GLN A 166 -9.26 -23.39 -17.71
CA GLN A 166 -8.18 -24.20 -18.25
C GLN A 166 -7.61 -25.12 -17.19
N GLY A 167 -7.03 -26.24 -17.63
CA GLY A 167 -6.31 -27.10 -16.73
C GLY A 167 -4.84 -26.79 -16.67
N SER A 168 -4.16 -27.44 -15.72
CA SER A 168 -2.71 -27.30 -15.57
C SER A 168 -2.32 -25.85 -15.46
N SER A 169 -3.11 -25.06 -14.74
CA SER A 169 -2.92 -23.62 -14.65
C SER A 169 -2.54 -23.22 -13.23
N VAL A 170 -1.76 -22.14 -13.13
CA VAL A 170 -1.34 -21.59 -11.85
C VAL A 170 -1.11 -20.10 -12.02
N GLY A 171 -1.55 -19.31 -11.04
CA GLY A 171 -1.37 -17.88 -11.09
C GLY A 171 -1.47 -17.28 -9.70
N ARG A 172 -0.88 -16.09 -9.56
CA ARG A 172 -0.87 -15.41 -8.27
C ARG A 172 -1.05 -13.91 -8.47
N ALA A 173 -1.53 -13.28 -7.40
CA ALA A 173 -1.59 -11.82 -7.28
C ALA A 173 -1.04 -11.44 -5.92
N LEU A 174 -0.02 -10.58 -5.91
CA LEU A 174 0.60 -10.09 -4.67
C LEU A 174 0.45 -8.58 -4.61
N PHE A 175 0.26 -8.05 -3.41
CA PHE A 175 0.19 -6.60 -3.32
C PHE A 175 1.56 -6.00 -3.59
N TYR A 176 1.59 -4.88 -4.31
CA TYR A 176 2.83 -4.33 -4.82
C TYR A 176 3.81 -4.00 -3.69
N ALA A 177 3.31 -3.39 -2.59
CA ALA A 177 4.21 -2.90 -1.54
C ALA A 177 4.58 -4.03 -0.57
N PRO A 178 5.85 -4.12 -0.17
CA PRO A 178 6.19 -5.01 0.95
C PRO A 178 5.43 -4.60 2.20
N VAL A 179 5.21 -5.57 3.08
CA VAL A 179 4.46 -5.34 4.31
C VAL A 179 5.37 -5.67 5.49
N HIS A 180 5.38 -4.79 6.49
CA HIS A 180 6.15 -4.98 7.71
C HIS A 180 5.28 -5.79 8.67
N ILE A 181 5.47 -7.11 8.64
CA ILE A 181 4.50 -7.99 9.28
C ILE A 181 4.80 -8.18 10.77
N TRP A 182 6.05 -8.02 11.19
CA TRP A 182 6.34 -7.98 12.61
C TRP A 182 7.52 -7.05 12.85
N GLU A 183 7.60 -6.56 14.08
CA GLU A 183 8.72 -5.72 14.53
C GLU A 183 8.89 -5.95 16.02
N SER A 184 10.14 -6.16 16.44
CA SER A 184 10.39 -6.64 17.81
C SER A 184 9.77 -5.73 18.87
N SER A 185 9.84 -4.42 18.65
CA SER A 185 9.36 -3.48 19.66
C SER A 185 7.84 -3.37 19.71
N ALA A 186 7.13 -3.97 18.76
CA ALA A 186 5.68 -3.82 18.71
C ALA A 186 5.02 -4.64 19.83
N VAL A 187 4.13 -4.00 20.56
CA VAL A 187 3.35 -4.71 21.57
C VAL A 187 2.32 -5.60 20.89
N VAL A 188 1.73 -5.13 19.80
CA VAL A 188 0.75 -5.90 19.04
C VAL A 188 1.11 -5.82 17.57
N ALA A 189 1.28 -6.99 16.95
CA ALA A 189 1.31 -7.10 15.49
C ALA A 189 0.13 -7.97 15.08
N SER A 190 -0.74 -7.42 14.24
CA SER A 190 -1.95 -8.13 13.86
C SER A 190 -2.14 -7.98 12.37
N PHE A 191 -2.78 -8.98 11.76
CA PHE A 191 -3.18 -8.81 10.38
C PHE A 191 -4.51 -9.51 10.18
N ASP A 192 -5.24 -9.05 9.17
CA ASP A 192 -6.47 -9.72 8.81
C ASP A 192 -6.67 -9.56 7.31
N ALA A 193 -7.30 -10.54 6.70
CA ALA A 193 -7.53 -10.47 5.27
C ALA A 193 -8.89 -11.11 4.99
N THR A 194 -9.57 -10.57 3.98
CA THR A 194 -10.85 -11.07 3.51
C THR A 194 -10.80 -11.13 1.99
N PHE A 195 -11.32 -12.22 1.42
CA PHE A 195 -11.52 -12.21 -0.02
C PHE A 195 -12.78 -12.97 -0.35
N THR A 196 -13.44 -12.55 -1.43
CA THR A 196 -14.58 -13.26 -1.95
C THR A 196 -14.20 -13.86 -3.30
N PHE A 197 -14.79 -15.01 -3.59
CA PHE A 197 -14.32 -15.84 -4.67
C PHE A 197 -15.50 -16.58 -5.25
N LEU A 198 -15.36 -17.00 -6.50
CA LEU A 198 -16.40 -17.75 -7.19
C LEU A 198 -15.69 -18.93 -7.85
N ILE A 199 -15.85 -20.12 -7.28
CA ILE A 199 -15.29 -21.34 -7.85
C ILE A 199 -16.43 -22.08 -8.52
N LYS A 200 -16.28 -22.30 -9.83
CA LYS A 200 -17.28 -22.96 -10.64
C LYS A 200 -16.61 -24.00 -11.50
N SER A 201 -17.23 -25.18 -11.59
CA SER A 201 -16.64 -26.26 -12.37
C SER A 201 -17.74 -27.09 -13.00
N SER A 202 -17.50 -27.55 -14.21
CA SER A 202 -18.33 -28.58 -14.81
C SER A 202 -17.59 -29.92 -14.88
N ASP A 203 -16.38 -29.99 -14.35
CA ASP A 203 -15.70 -31.27 -14.26
C ASP A 203 -16.48 -32.20 -13.34
N SER A 204 -16.11 -33.49 -13.37
CA SER A 204 -16.70 -34.39 -12.40
C SER A 204 -16.11 -34.19 -11.00
N HIS A 205 -15.01 -33.46 -10.88
CA HIS A 205 -14.54 -32.96 -9.59
C HIS A 205 -13.82 -31.65 -9.82
N PRO A 206 -14.10 -30.61 -9.03
CA PRO A 206 -13.31 -29.37 -9.11
C PRO A 206 -11.93 -29.56 -8.51
N ALA A 207 -11.01 -28.70 -8.93
CA ALA A 207 -9.64 -28.68 -8.41
C ALA A 207 -8.95 -27.44 -8.95
N ASP A 208 -7.91 -26.97 -8.25
CA ASP A 208 -7.34 -27.54 -7.01
C ASP A 208 -7.57 -26.68 -5.76
N GLY A 209 -7.73 -25.38 -5.95
CA GLY A 209 -8.14 -24.51 -4.85
C GLY A 209 -7.55 -23.12 -4.97
N ILE A 210 -7.80 -22.34 -3.90
CA ILE A 210 -7.34 -20.97 -3.77
C ILE A 210 -6.72 -20.82 -2.39
N ALA A 211 -5.65 -20.03 -2.29
CA ALA A 211 -5.02 -19.76 -1.01
C ALA A 211 -4.73 -18.27 -0.83
N PHE A 212 -4.87 -17.79 0.40
CA PHE A 212 -4.21 -16.55 0.81
C PHE A 212 -2.87 -16.91 1.43
N PHE A 213 -1.81 -16.21 1.03
CA PHE A 213 -0.48 -16.56 1.51
C PHE A 213 0.32 -15.32 1.87
N ILE A 214 1.34 -15.54 2.70
CA ILE A 214 2.33 -14.53 3.06
C ILE A 214 3.70 -15.14 2.77
N SER A 215 4.55 -14.38 2.09
CA SER A 215 5.80 -14.92 1.58
C SER A 215 6.93 -13.92 1.80
N ASN A 216 8.16 -14.40 1.60
CA ASN A 216 9.28 -13.50 1.41
C ASN A 216 8.94 -12.52 0.30
N ILE A 217 9.54 -11.33 0.37
CA ILE A 217 9.15 -10.25 -0.53
C ILE A 217 9.39 -10.63 -1.98
N ASP A 218 10.39 -11.48 -2.24
CA ASP A 218 10.78 -11.82 -3.61
C ASP A 218 10.20 -13.17 -4.05
N SER A 219 9.09 -13.59 -3.45
CA SER A 219 8.49 -14.88 -3.77
C SER A 219 8.02 -14.91 -5.21
N SER A 220 8.22 -16.06 -5.86
CA SER A 220 7.69 -16.30 -7.20
C SER A 220 7.18 -17.73 -7.24
N ILE A 221 6.35 -18.01 -8.25
CA ILE A 221 5.70 -19.31 -8.36
C ILE A 221 6.77 -20.38 -8.45
N PRO A 222 6.78 -21.37 -7.55
CA PRO A 222 7.80 -22.42 -7.65
C PRO A 222 7.58 -23.28 -8.89
N SER A 223 8.69 -23.70 -9.50
CA SER A 223 8.63 -24.59 -10.65
C SER A 223 7.81 -25.83 -10.32
N GLY A 224 6.88 -26.16 -11.21
CA GLY A 224 6.07 -27.36 -11.06
C GLY A 224 5.13 -27.35 -9.87
N SER A 225 4.51 -26.21 -9.58
CA SER A 225 3.58 -26.08 -8.47
C SER A 225 2.13 -25.98 -8.93
N THR A 226 1.83 -26.39 -10.16
CA THR A 226 0.43 -26.53 -10.54
C THR A 226 -0.21 -27.64 -9.72
N GLY A 227 -1.49 -27.85 -9.96
CA GLY A 227 -2.16 -28.95 -9.31
C GLY A 227 -2.18 -28.80 -7.79
N ARG A 228 -1.93 -29.92 -7.12
CA ARG A 228 -2.06 -30.01 -5.67
C ARG A 228 -1.12 -29.07 -4.91
N LEU A 229 -0.12 -28.48 -5.54
CA LEU A 229 0.81 -27.59 -4.82
C LEU A 229 0.36 -26.14 -4.79
N LEU A 230 -0.71 -25.79 -5.52
CA LEU A 230 -1.44 -24.54 -5.34
C LEU A 230 -0.60 -23.30 -5.65
N GLY A 231 0.44 -23.44 -6.46
CA GLY A 231 1.31 -22.33 -6.77
C GLY A 231 2.16 -21.83 -5.62
N LEU A 232 2.23 -22.58 -4.52
CA LEU A 232 2.89 -22.14 -3.30
C LEU A 232 4.18 -22.86 -2.99
N PHE A 233 4.26 -24.17 -3.30
CA PHE A 233 5.36 -24.98 -2.82
C PHE A 233 6.02 -25.75 -3.95
N PRO A 234 7.35 -25.90 -3.93
CA PRO A 234 8.03 -26.66 -4.98
C PRO A 234 7.80 -28.17 -4.89
N ASP A 235 7.28 -28.68 -3.77
CA ASP A 235 7.15 -30.11 -3.55
C ASP A 235 6.14 -30.33 -2.43
N ALA A 236 5.89 -31.60 -2.11
CA ALA A 236 4.86 -31.99 -1.16
C ALA A 236 5.41 -32.34 0.22
N ASN A 237 6.67 -32.01 0.49
CA ASN A 237 7.27 -32.27 1.79
C ASN A 237 6.49 -31.56 2.89
N ALA B 1 8.56 16.14 -18.71
CA ALA B 1 8.64 16.54 -17.31
C ALA B 1 7.57 15.82 -16.49
N ASP B 2 7.80 15.67 -15.19
CA ASP B 2 6.80 15.09 -14.31
C ASP B 2 5.57 15.99 -14.24
N THR B 3 4.45 15.41 -13.79
CA THR B 3 3.28 16.18 -13.40
C THR B 3 3.23 16.24 -11.88
N ILE B 4 3.09 17.43 -11.31
CA ILE B 4 3.19 17.63 -9.87
C ILE B 4 1.99 18.41 -9.36
N VAL B 5 1.27 17.83 -8.38
CA VAL B 5 0.38 18.57 -7.49
C VAL B 5 1.01 18.53 -6.10
N ALA B 6 1.12 19.68 -5.44
CA ALA B 6 1.82 19.69 -4.16
C ALA B 6 1.25 20.74 -3.22
N VAL B 7 1.40 20.46 -1.92
CA VAL B 7 1.19 21.44 -0.86
C VAL B 7 2.57 21.74 -0.29
N GLU B 8 2.99 23.00 -0.41
CA GLU B 8 4.32 23.40 0.05
C GLU B 8 4.23 24.11 1.39
N LEU B 9 5.17 23.78 2.27
CA LEU B 9 5.41 24.54 3.49
C LEU B 9 6.72 25.28 3.21
N ASP B 10 6.60 26.53 2.79
CA ASP B 10 7.71 27.24 2.15
C ASP B 10 8.32 28.17 3.17
N THR B 11 9.51 27.82 3.67
CA THR B 11 10.08 28.56 4.78
C THR B 11 10.85 29.80 4.33
N TYR B 12 11.12 29.97 3.04
CA TYR B 12 12.01 31.03 2.57
C TYR B 12 11.34 31.82 1.45
N PRO B 13 11.06 33.12 1.64
CA PRO B 13 10.41 33.89 0.57
C PRO B 13 11.33 34.20 -0.60
N ASN B 14 11.04 33.58 -1.75
CA ASN B 14 11.72 33.87 -3.01
C ASN B 14 10.81 34.79 -3.81
N THR B 15 10.80 36.08 -3.42
CA THR B 15 9.89 37.03 -4.03
C THR B 15 10.20 37.25 -5.51
N ASP B 16 11.40 36.92 -5.95
CA ASP B 16 11.70 37.02 -7.37
C ASP B 16 10.97 35.99 -8.22
N ILE B 17 10.35 34.95 -7.63
CA ILE B 17 9.66 33.94 -8.44
C ILE B 17 8.22 33.74 -7.98
N GLY B 18 7.61 34.78 -7.42
CA GLY B 18 6.21 34.75 -7.07
C GLY B 18 5.88 34.49 -5.61
N ASP B 19 6.86 34.08 -4.79
CA ASP B 19 6.57 33.92 -3.37
C ASP B 19 6.04 35.22 -2.78
N PRO B 20 5.09 35.15 -1.84
CA PRO B 20 4.78 36.35 -1.05
C PRO B 20 6.01 36.70 -0.23
N SER B 21 6.07 37.87 0.38
CA SER B 21 7.28 38.28 1.07
C SER B 21 7.34 37.77 2.49
N TYR B 22 7.10 36.46 2.74
CA TYR B 22 6.93 36.04 4.13
C TYR B 22 6.78 34.49 4.04
N PRO B 23 7.22 33.74 5.03
CA PRO B 23 7.02 32.29 4.95
C PRO B 23 5.54 32.00 4.78
N HIS B 24 5.25 30.89 4.12
CA HIS B 24 3.89 30.66 3.69
C HIS B 24 3.68 29.18 3.38
N ILE B 25 2.42 28.78 3.39
CA ILE B 25 1.95 27.54 2.79
C ILE B 25 1.24 27.83 1.48
N GLY B 26 1.40 26.93 0.51
CA GLY B 26 0.86 27.16 -0.81
C GLY B 26 0.39 25.88 -1.47
N ILE B 27 -0.45 26.04 -2.49
CA ILE B 27 -0.93 24.93 -3.29
C ILE B 27 -0.32 25.05 -4.68
N ASP B 28 0.42 24.03 -5.10
CA ASP B 28 1.20 24.05 -6.33
C ASP B 28 0.56 23.10 -7.33
N ILE B 29 0.04 23.64 -8.42
CA ILE B 29 -0.50 22.82 -9.50
C ILE B 29 0.40 23.00 -10.71
N LYS B 30 1.27 22.03 -10.95
CA LYS B 30 2.19 21.99 -12.08
C LYS B 30 3.16 23.18 -12.14
N SER B 31 3.31 23.92 -11.04
CA SER B 31 4.27 25.02 -11.02
C SER B 31 4.65 25.30 -9.58
N VAL B 32 5.90 25.73 -9.37
CA VAL B 32 6.31 26.15 -8.04
C VAL B 32 5.68 27.48 -7.68
N ARG B 33 5.14 28.21 -8.66
CA ARG B 33 4.46 29.47 -8.37
C ARG B 33 3.05 29.11 -7.91
N SER B 34 2.87 29.07 -6.59
CA SER B 34 1.61 28.60 -6.00
C SER B 34 0.40 29.30 -6.60
N LYS B 35 -0.64 28.51 -6.89
CA LYS B 35 -1.92 29.08 -7.28
C LYS B 35 -2.56 29.82 -6.12
N LYS B 36 -2.16 29.52 -4.90
CA LYS B 36 -2.82 30.07 -3.72
C LYS B 36 -1.83 29.92 -2.57
N THR B 37 -1.67 30.96 -1.75
CA THR B 37 -0.80 30.91 -0.58
C THR B 37 -1.50 31.50 0.63
N ALA B 38 -0.92 31.27 1.80
CA ALA B 38 -1.35 31.89 3.04
C ALA B 38 -0.13 32.13 3.90
N LYS B 39 -0.10 33.24 4.63
CA LYS B 39 1.05 33.53 5.49
C LYS B 39 1.20 32.45 6.56
N TRP B 40 2.44 32.02 6.78
CA TRP B 40 2.72 30.91 7.68
C TRP B 40 3.87 31.29 8.61
N ASN B 41 3.62 31.21 9.92
CA ASN B 41 4.63 31.41 10.97
C ASN B 41 5.29 30.07 11.31
N MET B 42 6.41 29.77 10.66
CA MET B 42 7.24 28.62 11.03
C MET B 42 7.89 28.83 12.39
N GLN B 43 7.70 27.87 13.28
CA GLN B 43 8.21 27.97 14.65
C GLN B 43 9.47 27.11 14.73
N ASN B 44 10.61 27.79 14.72
CA ASN B 44 11.90 27.11 14.72
C ASN B 44 12.02 26.10 15.85
N GLY B 45 12.37 24.86 15.50
CA GLY B 45 12.59 23.80 16.46
C GLY B 45 11.36 23.18 17.09
N LYS B 46 10.16 23.59 16.70
CA LYS B 46 8.91 23.02 17.20
C LYS B 46 8.37 21.99 16.21
N VAL B 47 7.61 21.04 16.73
CA VAL B 47 7.02 19.99 15.90
C VAL B 47 5.68 20.48 15.38
N GLY B 48 5.56 20.59 14.06
CA GLY B 48 4.32 21.03 13.44
C GLY B 48 3.58 19.89 12.77
N THR B 49 2.31 20.09 12.47
CA THR B 49 1.48 19.10 11.79
C THR B 49 0.82 19.73 10.58
N ALA B 50 0.82 19.00 9.46
CA ALA B 50 0.15 19.43 8.24
C ALA B 50 -0.92 18.41 7.89
N HIS B 51 -2.11 18.90 7.57
CA HIS B 51 -3.21 18.07 7.09
C HIS B 51 -3.60 18.54 5.70
N ILE B 52 -3.82 17.61 4.77
CA ILE B 52 -4.13 17.87 3.37
C ILE B 52 -5.39 17.07 3.03
N ILE B 53 -6.38 17.72 2.42
CA ILE B 53 -7.67 17.08 2.16
C ILE B 53 -8.17 17.43 0.76
N TYR B 54 -8.76 16.43 0.08
CA TYR B 54 -9.36 16.68 -1.23
C TYR B 54 -10.44 15.62 -1.49
N ASN B 55 -11.49 16.04 -2.19
CA ASN B 55 -12.41 15.04 -2.73
C ASN B 55 -12.99 15.54 -4.04
N SER B 56 -13.39 14.60 -4.88
CA SER B 56 -13.80 14.87 -6.25
C SER B 56 -15.16 15.53 -6.35
N VAL B 57 -15.92 15.59 -5.25
CA VAL B 57 -17.23 16.24 -5.28
C VAL B 57 -17.10 17.73 -5.05
N GLY B 58 -16.43 18.11 -3.97
CA GLY B 58 -16.18 19.52 -3.71
C GLY B 58 -15.11 20.11 -4.62
N LYS B 59 -14.20 19.28 -5.11
CA LYS B 59 -13.06 19.73 -5.92
C LYS B 59 -12.42 20.96 -5.31
N ARG B 60 -12.06 20.82 -4.04
CA ARG B 60 -11.36 21.86 -3.30
C ARG B 60 -10.20 21.19 -2.57
N LEU B 61 -8.98 21.55 -2.95
CA LEU B 61 -7.80 21.02 -2.27
C LEU B 61 -7.49 21.95 -1.11
N SER B 62 -7.46 21.40 0.10
CA SER B 62 -7.26 22.20 1.30
C SER B 62 -6.07 21.68 2.08
N ALA B 63 -5.48 22.58 2.86
CA ALA B 63 -4.36 22.22 3.72
C ALA B 63 -4.31 23.16 4.90
N VAL B 64 -3.90 22.62 6.05
CA VAL B 64 -3.73 23.44 7.23
C VAL B 64 -2.49 22.94 7.96
N VAL B 65 -1.68 23.87 8.46
CA VAL B 65 -0.45 23.56 9.18
C VAL B 65 -0.54 24.24 10.53
N SER B 66 -0.28 23.48 11.60
CA SER B 66 -0.49 23.98 12.95
C SER B 66 0.67 23.55 13.84
N TYR B 67 0.82 24.28 14.94
CA TYR B 67 1.83 23.98 15.95
C TYR B 67 1.17 23.81 17.30
N PRO B 68 1.89 23.24 18.28
CA PRO B 68 1.28 22.95 19.59
C PRO B 68 0.73 24.17 20.32
N ASN B 69 1.27 25.37 20.09
CA ASN B 69 0.75 26.55 20.78
C ASN B 69 -0.58 27.03 20.23
N GLY B 70 -1.03 26.45 19.12
CA GLY B 70 -2.35 26.72 18.58
C GLY B 70 -2.34 27.53 17.31
N ASP B 71 -1.23 28.14 16.95
CA ASP B 71 -1.15 28.93 15.73
C ASP B 71 -1.24 28.00 14.53
N SER B 72 -1.93 28.47 13.48
CA SER B 72 -2.12 27.68 12.28
C SER B 72 -2.35 28.60 11.09
N ALA B 73 -2.06 28.07 9.91
CA ALA B 73 -2.34 28.72 8.64
C ALA B 73 -3.06 27.73 7.75
N THR B 74 -3.93 28.24 6.88
CA THR B 74 -4.72 27.36 6.01
C THR B 74 -4.75 27.96 4.62
N VAL B 75 -4.84 27.09 3.62
CA VAL B 75 -5.00 27.53 2.24
C VAL B 75 -5.90 26.53 1.55
N SER B 76 -6.76 27.02 0.66
CA SER B 76 -7.61 26.15 -0.14
C SER B 76 -7.60 26.68 -1.57
N TYR B 77 -7.76 25.76 -2.52
CA TYR B 77 -7.80 26.12 -3.92
C TYR B 77 -8.81 25.23 -4.63
N ASP B 78 -9.70 25.83 -5.40
CA ASP B 78 -10.69 25.08 -6.17
C ASP B 78 -10.06 24.56 -7.46
N VAL B 79 -10.01 23.23 -7.60
CA VAL B 79 -9.40 22.63 -8.78
C VAL B 79 -9.96 21.23 -8.95
N ASP B 80 -10.17 20.83 -10.20
CA ASP B 80 -10.63 19.48 -10.51
C ASP B 80 -9.40 18.67 -10.85
N LEU B 81 -8.94 17.84 -9.90
CA LEU B 81 -7.68 17.15 -10.11
C LEU B 81 -7.77 16.04 -11.15
N ASP B 82 -8.97 15.61 -11.54
CA ASP B 82 -9.13 14.69 -12.67
C ASP B 82 -8.51 15.24 -13.94
N ASN B 83 -8.51 16.55 -14.10
CA ASN B 83 -7.95 17.20 -15.28
C ASN B 83 -6.48 17.52 -15.14
N VAL B 84 -5.85 17.17 -14.01
CA VAL B 84 -4.45 17.45 -13.77
C VAL B 84 -3.65 16.16 -13.67
N LEU B 85 -4.08 15.26 -12.84
CA LEU B 85 -3.28 14.11 -12.47
C LEU B 85 -3.50 12.94 -13.43
N PRO B 86 -2.45 12.13 -13.62
CA PRO B 86 -2.67 10.82 -14.26
C PRO B 86 -3.50 9.92 -13.36
N GLU B 87 -4.16 8.95 -13.99
CA GLU B 87 -5.02 8.04 -13.25
C GLU B 87 -4.28 7.32 -12.13
N TRP B 88 -3.04 6.92 -12.37
CA TRP B 88 -2.19 6.29 -11.36
C TRP B 88 -1.06 7.25 -11.02
N VAL B 89 -0.76 7.36 -9.72
CA VAL B 89 0.24 8.29 -9.20
C VAL B 89 1.07 7.58 -8.15
N ARG B 90 2.17 8.23 -7.75
CA ARG B 90 2.78 7.98 -6.46
C ARG B 90 2.64 9.21 -5.58
N VAL B 91 2.64 8.99 -4.26
CA VAL B 91 2.50 10.07 -3.31
C VAL B 91 3.78 10.13 -2.51
N GLY B 92 4.14 11.32 -2.05
CA GLY B 92 5.42 11.43 -1.36
C GLY B 92 5.59 12.73 -0.61
N LEU B 93 6.76 12.83 0.04
CA LEU B 93 7.20 14.02 0.75
C LEU B 93 8.53 14.45 0.16
N SER B 94 8.73 15.77 0.03
CA SER B 94 9.94 16.34 -0.56
C SER B 94 10.40 17.53 0.29
N ALA B 95 11.71 17.79 0.28
CA ALA B 95 12.23 18.97 0.95
C ALA B 95 13.56 19.35 0.33
N SER B 96 13.96 20.60 0.59
CA SER B 96 15.23 21.08 0.05
C SER B 96 15.86 22.12 0.96
N THR B 97 17.15 22.35 0.73
CA THR B 97 17.90 23.47 1.29
C THR B 97 18.71 24.11 0.16
N GLY B 98 19.20 25.33 0.40
CA GLY B 98 19.95 26.00 -0.65
C GLY B 98 21.15 26.74 -0.07
N LEU B 99 21.16 28.06 -0.22
CA LEU B 99 22.16 28.89 0.44
C LEU B 99 21.88 28.98 1.93
N TYR B 100 20.61 28.86 2.32
CA TYR B 100 20.23 28.69 3.70
C TYR B 100 19.72 27.27 3.91
N LYS B 101 19.65 26.85 5.16
CA LYS B 101 19.41 25.44 5.42
C LYS B 101 18.59 25.29 6.69
N GLU B 102 18.11 24.07 6.89
CA GLU B 102 17.23 23.71 7.99
C GLU B 102 17.18 22.19 8.01
N THR B 103 16.87 21.63 9.18
CA THR B 103 16.48 20.22 9.21
C THR B 103 15.11 20.12 8.57
N ASN B 104 14.88 19.03 7.85
CA ASN B 104 13.58 18.76 7.22
C ASN B 104 13.15 17.37 7.68
N THR B 105 12.91 17.26 8.97
CA THR B 105 12.69 16.00 9.65
C THR B 105 11.21 15.66 9.66
N ILE B 106 10.87 14.48 9.19
CA ILE B 106 9.50 13.95 9.22
C ILE B 106 9.41 12.96 10.37
N LEU B 107 8.46 13.19 11.29
CA LEU B 107 8.27 12.29 12.41
C LEU B 107 7.13 11.29 12.18
N SER B 108 6.20 11.59 11.28
CA SER B 108 5.08 10.69 11.00
C SER B 108 4.43 11.13 9.70
N TRP B 109 3.76 10.18 9.04
CA TRP B 109 3.11 10.43 7.77
C TRP B 109 2.03 9.40 7.57
N SER B 110 0.82 9.87 7.26
CA SER B 110 -0.30 8.99 6.92
C SER B 110 -0.95 9.48 5.65
N PHE B 111 -1.62 8.56 4.97
CA PHE B 111 -2.25 8.84 3.69
C PHE B 111 -3.42 7.89 3.51
N THR B 112 -4.55 8.43 3.04
CA THR B 112 -5.68 7.58 2.65
C THR B 112 -6.20 8.02 1.29
N SER B 113 -6.46 7.07 0.42
CA SER B 113 -7.15 7.32 -0.84
C SER B 113 -8.30 6.34 -0.97
N LYS B 114 -9.44 6.83 -1.48
CA LYS B 114 -10.63 6.01 -1.60
C LYS B 114 -11.30 6.30 -2.93
N LEU B 115 -11.78 5.24 -3.58
CA LEU B 115 -12.67 5.35 -4.73
C LEU B 115 -13.97 4.68 -4.34
N LYS B 116 -15.09 5.43 -4.35
CA LYS B 116 -16.41 4.92 -3.99
C LYS B 116 -17.32 5.01 -5.21
N SER B 117 -18.30 4.11 -5.33
CA SER B 117 -19.01 4.01 -6.60
C SER B 117 -20.53 3.87 -6.49
N ASN B 118 -21.10 3.36 -7.57
CA ASN B 118 -22.52 3.22 -7.92
C ASN B 118 -23.47 2.77 -6.81
N SER B 119 -23.06 1.73 -6.06
CA SER B 119 -23.80 1.13 -4.95
C SER B 119 -23.04 1.60 -3.73
N THR B 120 -22.94 0.91 -2.60
CA THR B 120 -21.86 1.34 -1.71
C THR B 120 -21.05 0.21 -1.10
N HIS B 121 -19.85 0.62 -0.70
CA HIS B 121 -18.76 -0.24 -0.33
C HIS B 121 -18.57 -1.29 -1.44
N GLU B 122 -18.86 -0.83 -2.69
CA GLU B 122 -18.00 -1.08 -3.86
C GLU B 122 -16.84 -0.06 -3.75
N THR B 123 -15.90 -0.31 -2.84
CA THR B 123 -14.91 0.72 -2.53
C THR B 123 -13.54 0.12 -2.74
N ASN B 124 -12.65 0.86 -3.41
CA ASN B 124 -11.24 0.57 -3.41
C ASN B 124 -10.59 1.59 -2.50
N ALA B 125 -9.60 1.15 -1.73
CA ALA B 125 -8.97 2.04 -0.78
C ALA B 125 -7.52 1.65 -0.58
N LEU B 126 -6.69 2.65 -0.26
CA LEU B 126 -5.32 2.47 0.22
C LEU B 126 -5.12 3.36 1.44
N HIS B 127 -4.61 2.79 2.52
CA HIS B 127 -4.29 3.58 3.70
C HIS B 127 -2.95 3.12 4.27
N PHE B 128 -2.06 4.07 4.53
CA PHE B 128 -0.86 3.72 5.26
C PHE B 128 -0.59 4.77 6.33
N VAL B 129 0.10 4.34 7.40
CA VAL B 129 0.53 5.23 8.47
C VAL B 129 1.93 4.82 8.88
N PHE B 130 2.84 5.79 8.93
CA PHE B 130 4.13 5.63 9.58
C PHE B 130 4.16 6.57 10.77
N ASN B 131 4.14 6.02 11.99
CA ASN B 131 4.43 6.85 13.15
C ASN B 131 5.85 6.67 13.64
N GLN B 132 6.55 5.68 13.11
CA GLN B 132 7.98 5.47 13.33
C GLN B 132 8.55 4.93 12.03
N PHE B 133 9.65 5.49 11.57
CA PHE B 133 10.35 4.97 10.40
C PHE B 133 11.48 4.07 10.86
N SER B 134 11.80 3.08 10.04
CA SER B 134 12.92 2.20 10.38
C SER B 134 14.09 2.45 9.45
N LYS B 135 15.28 2.06 9.91
CA LYS B 135 16.48 2.10 9.08
C LYS B 135 16.25 1.66 7.64
N ASP B 136 15.72 0.45 7.47
CA ASP B 136 15.46 -0.14 6.16
C ASP B 136 13.94 -0.19 5.95
N GLN B 137 13.40 0.92 5.50
CA GLN B 137 11.95 1.09 5.36
C GLN B 137 11.55 0.61 3.98
N LYS B 138 11.24 -0.68 3.87
CA LYS B 138 11.14 -1.30 2.55
C LYS B 138 9.94 -0.81 1.75
N ASP B 139 8.94 -0.22 2.38
CA ASP B 139 7.81 0.31 1.63
C ASP B 139 7.98 1.80 1.29
N LEU B 140 9.18 2.35 1.44
CA LEU B 140 9.47 3.71 0.99
C LEU B 140 10.54 3.70 -0.09
N ILE B 141 10.33 4.51 -1.12
CA ILE B 141 11.34 4.81 -2.12
C ILE B 141 12.00 6.13 -1.72
N LEU B 142 13.27 6.07 -1.32
CA LEU B 142 14.04 7.25 -0.96
C LEU B 142 14.79 7.77 -2.18
N GLN B 143 14.73 9.08 -2.41
CA GLN B 143 15.43 9.73 -3.51
C GLN B 143 16.32 10.83 -2.97
N GLY B 144 17.38 11.12 -3.71
CA GLY B 144 18.31 12.18 -3.32
C GLY B 144 18.90 11.92 -1.96
N ASP B 145 18.86 12.93 -1.09
CA ASP B 145 19.53 12.87 0.20
C ASP B 145 18.67 12.29 1.32
N ALA B 146 17.43 11.87 1.03
CA ALA B 146 16.55 11.37 2.06
C ALA B 146 17.09 10.07 2.67
N THR B 147 17.00 9.97 4.00
CA THR B 147 17.34 8.75 4.73
C THR B 147 16.31 8.53 5.83
N THR B 148 16.18 7.27 6.24
CA THR B 148 15.49 6.91 7.46
C THR B 148 16.52 6.39 8.46
N GLY B 149 16.19 6.48 9.74
CA GLY B 149 17.16 6.24 10.79
C GLY B 149 16.60 5.40 11.92
N THR B 150 17.49 5.05 12.84
CA THR B 150 17.08 4.33 14.05
C THR B 150 16.52 5.26 15.12
N ASP B 151 16.55 6.58 14.95
CA ASP B 151 15.77 7.44 15.82
C ASP B 151 14.30 7.47 15.45
N GLY B 152 13.90 6.70 14.44
CA GLY B 152 12.50 6.62 14.07
C GLY B 152 12.01 7.71 13.15
N ASN B 153 12.91 8.56 12.65
CA ASN B 153 12.47 9.66 11.80
C ASN B 153 12.95 9.50 10.36
N LEU B 154 12.34 10.30 9.49
CA LEU B 154 12.71 10.42 8.08
C LEU B 154 13.36 11.79 7.88
N GLU B 155 14.65 11.82 7.55
CA GLU B 155 15.36 13.08 7.28
C GLU B 155 15.34 13.30 5.79
N LEU B 156 14.51 14.24 5.32
CA LEU B 156 14.40 14.43 3.87
C LEU B 156 15.68 15.01 3.29
N THR B 157 16.34 15.89 4.02
CA THR B 157 17.57 16.49 3.52
C THR B 157 18.74 16.13 4.44
N ARG B 158 19.94 16.33 3.93
CA ARG B 158 21.12 15.77 4.58
C ARG B 158 21.39 16.46 5.91
N VAL B 159 21.75 15.66 6.92
CA VAL B 159 22.16 16.18 8.22
C VAL B 159 23.53 15.60 8.56
N SER B 160 24.37 16.41 9.19
CA SER B 160 25.68 15.95 9.61
C SER B 160 25.58 15.07 10.85
N SER B 161 26.64 14.31 11.11
CA SER B 161 26.63 13.42 12.28
C SER B 161 26.38 14.20 13.57
N ASN B 162 26.76 15.47 13.60
CA ASN B 162 26.55 16.33 14.76
C ASN B 162 25.19 17.00 14.75
N GLY B 163 24.23 16.47 13.99
CA GLY B 163 22.88 16.98 13.95
C GLY B 163 22.67 18.22 13.11
N SER B 164 23.72 18.76 12.50
CA SER B 164 23.60 20.03 11.79
C SER B 164 23.06 19.80 10.38
N PRO B 165 22.05 20.55 9.95
CA PRO B 165 21.58 20.44 8.56
C PRO B 165 22.61 20.99 7.57
N GLN B 166 22.51 20.51 6.34
CA GLN B 166 23.43 20.94 5.30
C GLN B 166 22.67 21.72 4.23
N GLY B 167 23.39 22.60 3.54
CA GLY B 167 22.82 23.34 2.44
C GLY B 167 22.86 22.55 1.14
N SER B 168 22.26 23.16 0.11
CA SER B 168 22.24 22.61 -1.25
C SER B 168 21.93 21.11 -1.24
N SER B 169 20.86 20.77 -0.51
CA SER B 169 20.42 19.39 -0.35
C SER B 169 19.00 19.25 -0.87
N VAL B 170 18.66 18.06 -1.35
CA VAL B 170 17.30 17.76 -1.80
C VAL B 170 17.04 16.28 -1.58
N GLY B 171 15.84 15.95 -1.11
CA GLY B 171 15.50 14.55 -0.91
C GLY B 171 14.00 14.37 -0.83
N ARG B 172 13.56 13.14 -1.15
CA ARG B 172 12.15 12.79 -1.17
C ARG B 172 11.95 11.36 -0.69
N ALA B 173 10.72 11.08 -0.28
CA ALA B 173 10.26 9.74 0.04
C ALA B 173 8.91 9.52 -0.62
N LEU B 174 8.80 8.42 -1.38
CA LEU B 174 7.54 8.06 -2.04
C LEU B 174 7.05 6.71 -1.51
N PHE B 175 5.75 6.60 -1.27
CA PHE B 175 5.25 5.29 -0.90
C PHE B 175 5.48 4.33 -2.06
N TYR B 176 5.77 3.07 -1.73
CA TYR B 176 6.25 2.13 -2.72
C TYR B 176 5.17 1.81 -3.75
N ALA B 177 3.94 1.64 -3.29
CA ALA B 177 2.92 1.21 -4.24
C ALA B 177 2.36 2.40 -5.01
N PRO B 178 2.09 2.24 -6.30
CA PRO B 178 1.28 3.24 -7.01
C PRO B 178 -0.09 3.35 -6.38
N VAL B 179 -0.71 4.51 -6.56
CA VAL B 179 -2.02 4.82 -6.00
C VAL B 179 -2.98 5.10 -7.15
N HIS B 180 -4.19 4.55 -7.07
CA HIS B 180 -5.20 4.78 -8.09
C HIS B 180 -6.01 5.99 -7.66
N ILE B 181 -5.59 7.18 -8.12
CA ILE B 181 -6.08 8.41 -7.49
C ILE B 181 -7.44 8.80 -8.05
N TRP B 182 -7.76 8.40 -9.28
CA TRP B 182 -9.11 8.55 -9.78
C TRP B 182 -9.46 7.38 -10.68
N GLU B 183 -10.76 7.20 -10.88
CA GLU B 183 -11.24 6.14 -11.76
C GLU B 183 -12.61 6.57 -12.25
N SER B 184 -12.84 6.44 -13.56
CA SER B 184 -13.98 7.12 -14.14
C SER B 184 -15.30 6.59 -13.63
N SER B 185 -15.37 5.31 -13.24
CA SER B 185 -16.66 4.81 -12.76
C SER B 185 -16.95 5.17 -11.31
N ALA B 186 -15.97 5.66 -10.56
CA ALA B 186 -16.21 6.00 -9.16
C ALA B 186 -17.05 7.26 -9.05
N VAL B 187 -17.94 7.27 -8.06
CA VAL B 187 -18.76 8.44 -7.78
C VAL B 187 -18.03 9.44 -6.89
N VAL B 188 -17.19 8.96 -5.97
CA VAL B 188 -16.39 9.78 -5.09
C VAL B 188 -14.95 9.30 -5.13
N ALA B 189 -14.02 10.23 -5.29
CA ALA B 189 -12.60 9.93 -5.16
C ALA B 189 -12.05 10.94 -4.17
N SER B 190 -11.48 10.46 -3.08
CA SER B 190 -11.02 11.36 -2.04
C SER B 190 -9.61 10.95 -1.64
N PHE B 191 -8.84 11.93 -1.18
CA PHE B 191 -7.62 11.56 -0.50
C PHE B 191 -7.37 12.52 0.63
N ASP B 192 -6.60 12.04 1.55
CA ASP B 192 -6.18 12.83 2.67
C ASP B 192 -4.83 12.38 3.16
N ALA B 193 -4.07 13.33 3.72
CA ALA B 193 -2.68 13.07 4.09
C ALA B 193 -2.36 13.92 5.30
N THR B 194 -1.54 13.40 6.22
CA THR B 194 -1.12 14.10 7.42
C THR B 194 0.36 13.82 7.58
N PHE B 195 1.13 14.84 7.94
CA PHE B 195 2.47 14.52 8.38
C PHE B 195 2.88 15.49 9.48
N THR B 196 3.78 15.03 10.34
CA THR B 196 4.34 15.90 11.36
C THR B 196 5.81 16.07 11.06
N PHE B 197 6.35 17.23 11.46
CA PHE B 197 7.65 17.62 10.97
C PHE B 197 8.33 18.46 12.04
N LEU B 198 9.66 18.51 11.97
CA LEU B 198 10.44 19.34 12.88
C LEU B 198 11.44 20.08 12.00
N ILE B 199 11.20 21.37 11.78
CA ILE B 199 12.12 22.22 11.03
C ILE B 199 12.88 23.06 12.04
N LYS B 200 14.20 22.93 12.06
CA LYS B 200 15.04 23.65 13.01
C LYS B 200 16.26 24.21 12.28
N SER B 201 16.62 25.46 12.59
CA SER B 201 17.74 26.08 11.92
C SER B 201 18.45 27.04 12.85
N SER B 202 19.78 27.11 12.71
CA SER B 202 20.56 28.17 13.35
C SER B 202 21.05 29.21 12.34
N ASP B 203 20.64 29.11 11.07
CA ASP B 203 21.06 30.04 10.03
C ASP B 203 20.46 31.43 10.26
N SER B 204 21.01 32.41 9.53
CA SER B 204 20.40 33.73 9.47
C SER B 204 18.93 33.65 9.07
N HIS B 205 18.56 32.64 8.30
CA HIS B 205 17.19 32.41 7.85
C HIS B 205 17.07 30.93 7.53
N PRO B 206 15.98 30.27 7.96
CA PRO B 206 15.73 28.91 7.45
C PRO B 206 15.38 28.93 5.99
N ALA B 207 15.70 27.82 5.32
CA ALA B 207 15.23 27.53 3.97
C ALA B 207 15.46 26.05 3.75
N ASP B 208 14.76 25.46 2.77
CA ASP B 208 13.71 26.02 1.91
C ASP B 208 12.28 25.55 2.13
N GLY B 209 12.08 24.39 2.74
CA GLY B 209 10.73 23.94 3.07
C GLY B 209 10.49 22.48 2.81
N ILE B 210 9.26 22.04 3.05
CA ILE B 210 8.82 20.66 2.93
C ILE B 210 7.54 20.69 2.11
N ALA B 211 7.34 19.70 1.24
CA ALA B 211 6.09 19.59 0.50
C ALA B 211 5.54 18.16 0.55
N PHE B 212 4.20 18.06 0.57
CA PHE B 212 3.53 16.82 0.24
C PHE B 212 3.15 16.89 -1.23
N PHE B 213 3.48 15.85 -1.98
CA PHE B 213 3.22 15.92 -3.41
C PHE B 213 2.64 14.62 -3.94
N ILE B 214 2.02 14.76 -5.10
CA ILE B 214 1.48 13.64 -5.88
C ILE B 214 2.00 13.82 -7.30
N SER B 215 2.58 12.76 -7.85
CA SER B 215 3.28 12.83 -9.13
C SER B 215 2.89 11.63 -9.99
N ASN B 216 3.29 11.68 -11.26
CA ASN B 216 3.35 10.46 -12.06
C ASN B 216 4.16 9.40 -11.33
N ILE B 217 3.88 8.13 -11.64
CA ILE B 217 4.42 7.04 -10.85
C ILE B 217 5.93 6.95 -10.98
N ASP B 218 6.49 7.45 -12.08
CA ASP B 218 7.93 7.34 -12.30
C ASP B 218 8.66 8.65 -12.00
N SER B 219 8.10 9.49 -11.14
CA SER B 219 8.68 10.79 -10.84
C SER B 219 10.04 10.66 -10.15
N SER B 220 10.97 11.54 -10.54
CA SER B 220 12.28 11.60 -9.90
C SER B 220 12.65 13.05 -9.68
N ILE B 221 13.62 13.26 -8.80
CA ILE B 221 14.06 14.61 -8.47
C ILE B 221 14.55 15.29 -9.75
N PRO B 222 13.92 16.37 -10.17
CA PRO B 222 14.44 17.14 -11.30
C PRO B 222 15.86 17.63 -11.02
N SER B 223 16.72 17.52 -12.02
CA SER B 223 18.09 18.01 -11.86
C SER B 223 18.10 19.47 -11.43
N GLY B 224 18.94 19.80 -10.46
CA GLY B 224 19.08 21.17 -10.03
C GLY B 224 17.93 21.74 -9.22
N SER B 225 17.09 20.90 -8.62
CA SER B 225 15.92 21.37 -7.89
C SER B 225 16.17 21.50 -6.38
N THR B 226 17.39 21.83 -5.97
CA THR B 226 17.60 22.24 -4.58
C THR B 226 17.02 23.64 -4.37
N GLY B 227 17.14 24.14 -3.14
CA GLY B 227 16.77 25.54 -2.92
C GLY B 227 15.29 25.81 -3.15
N ARG B 228 15.00 26.87 -3.90
CA ARG B 228 13.63 27.35 -4.00
C ARG B 228 12.72 26.41 -4.77
N LEU B 229 13.26 25.38 -5.42
CA LEU B 229 12.42 24.51 -6.24
C LEU B 229 11.94 23.28 -5.48
N LEU B 230 12.42 23.09 -4.24
CA LEU B 230 11.83 22.16 -3.27
C LEU B 230 11.89 20.69 -3.72
N GLY B 231 12.80 20.35 -4.65
CA GLY B 231 12.86 19.01 -5.20
C GLY B 231 11.67 18.59 -6.04
N LEU B 232 10.86 19.54 -6.50
CA LEU B 232 9.62 19.22 -7.20
C LEU B 232 9.63 19.58 -8.68
N PHE B 233 10.28 20.68 -9.05
CA PHE B 233 10.17 21.27 -10.38
C PHE B 233 11.53 21.56 -10.99
N PRO B 234 11.64 21.51 -12.32
CA PRO B 234 12.92 21.77 -12.97
C PRO B 234 13.24 23.25 -13.13
N ASP B 235 12.30 24.13 -12.85
CA ASP B 235 12.48 25.56 -13.08
C ASP B 235 11.39 26.30 -12.33
N ALA B 236 11.53 27.63 -12.29
CA ALA B 236 10.59 28.49 -11.57
C ALA B 236 9.41 28.93 -12.42
N ASN B 237 9.16 28.28 -13.55
CA ASN B 237 8.10 28.69 -14.46
C ASN B 237 6.68 28.49 -13.90
#